data_2Q8H
#
_entry.id   2Q8H
#
_cell.length_a   98.323
_cell.length_b   98.323
_cell.length_c   110.559
_cell.angle_alpha   90.00
_cell.angle_beta   90.00
_cell.angle_gamma   90.00
#
_symmetry.space_group_name_H-M   'P 41 21 2'
#
loop_
_entity.id
_entity.type
_entity.pdbx_description
1 polymer '[Pyruvate dehydrogenase [lipoamide]] kinase isozyme 1'
2 non-polymer 'POTASSIUM ION'
3 non-polymer 'DICHLORO-ACETIC ACID'
4 water water
#
_entity_poly.entity_id   1
_entity_poly.type   'polypeptide(L)'
_entity_poly.pdbx_seq_one_letter_code
;SDSGSSPASERGVPGQVDFYARFSPSPLSMKQFLDFGSVNACEKTSFMFLRQELPVRLANIMKEISLLPDNLLRTPSVQL
VQSWYIQSLQELLDFKDKSAEDAKAIYDFTDTVIRIRNRHNDVIPTMAQGVIEYKESFGVDPVTSQNVQYFLDRFYMSRI
SIRMLLNQHSLLFGGKGKGSPSHRKHIGSINPNCNVLEVIKDGYENARRLCDLYYINSPELELEELNAKSPGQPIQVVYV
PSHLYHMVFELFKNAMRATMEHHANRGVYPPIQVHVTLGNEDLTVKMSDRGGGVPLRKIDRLFNYMYSTAPRPRVETSRA
VPLAGFGYGLPISRLYAQYFQGDLKLYSLEGYGTDAVIYIKALSTDSIERLPVYNKAAWKHYNTNHEADDWCVPSREPKD
MTTFRSA
;
_entity_poly.pdbx_strand_id   A
#
# COMPACT_ATOMS: atom_id res chain seq x y z
N GLY A 12 -4.33 25.37 20.48
CA GLY A 12 -3.17 24.91 19.66
C GLY A 12 -3.56 23.80 18.67
N VAL A 13 -2.81 23.69 17.58
CA VAL A 13 -2.92 22.57 16.65
C VAL A 13 -2.09 21.35 17.11
N PRO A 14 -0.90 21.58 17.70
CA PRO A 14 -0.22 20.51 18.47
C PRO A 14 -1.10 19.87 19.55
N GLY A 15 -1.93 20.67 20.22
CA GLY A 15 -2.87 20.19 21.23
C GLY A 15 -3.95 19.25 20.70
N GLN A 16 -4.52 19.59 19.55
CA GLN A 16 -5.52 18.74 18.90
C GLN A 16 -4.87 17.42 18.53
N VAL A 17 -3.68 17.51 17.94
CA VAL A 17 -2.92 16.33 17.59
C VAL A 17 -2.62 15.47 18.82
N ASP A 18 -2.06 16.07 19.87
CA ASP A 18 -1.76 15.31 21.10
C ASP A 18 -2.97 14.61 21.74
N PHE A 19 -4.09 15.33 21.85
CA PHE A 19 -5.35 14.79 22.40
C PHE A 19 -5.80 13.52 21.64
N TYR A 20 -5.89 13.62 20.32
CA TYR A 20 -6.38 12.49 19.51
C TYR A 20 -5.37 11.36 19.32
N ALA A 21 -4.08 11.70 19.41
CA ALA A 21 -3.00 10.72 19.24
C ALA A 21 -2.90 9.80 20.46
N ARG A 22 -3.50 10.22 21.57
CA ARG A 22 -3.56 9.40 22.77
C ARG A 22 -4.39 8.16 22.53
N PHE A 23 -5.38 8.30 21.66
CA PHE A 23 -6.28 7.21 21.35
C PHE A 23 -5.67 6.26 20.37
N SER A 24 -6.11 5.00 20.43
CA SER A 24 -5.65 4.04 19.45
C SER A 24 -6.61 4.05 18.26
N PRO A 25 -6.08 3.89 17.02
CA PRO A 25 -6.95 3.51 15.93
C PRO A 25 -7.77 2.24 16.27
N SER A 26 -8.94 2.13 15.64
CA SER A 26 -9.89 1.04 15.83
C SER A 26 -10.00 0.24 14.56
N PRO A 27 -9.26 -0.89 14.45
CA PRO A 27 -9.28 -1.64 13.20
C PRO A 27 -10.62 -2.33 12.93
N LEU A 28 -11.01 -2.36 11.66
CA LEU A 28 -12.27 -2.98 11.25
C LEU A 28 -11.99 -4.24 10.48
N SER A 29 -12.90 -5.19 10.56
CA SER A 29 -12.79 -6.36 9.69
C SER A 29 -13.41 -6.01 8.34
N MET A 30 -12.99 -6.74 7.31
CA MET A 30 -13.65 -6.73 6.01
C MET A 30 -15.17 -7.01 6.14
N LYS A 31 -15.56 -7.97 6.98
CA LYS A 31 -16.98 -8.21 7.29
C LYS A 31 -17.69 -6.97 7.88
N GLN A 32 -17.00 -6.21 8.72
CA GLN A 32 -17.56 -4.98 9.29
C GLN A 32 -17.77 -3.86 8.26
N PHE A 33 -16.77 -3.65 7.39
CA PHE A 33 -16.89 -2.76 6.23
C PHE A 33 -18.10 -3.14 5.38
N LEU A 34 -18.33 -4.44 5.25
CA LEU A 34 -19.35 -4.96 4.37
C LEU A 34 -20.75 -4.74 4.98
N ASP A 35 -20.81 -4.75 6.31
CA ASP A 35 -22.04 -4.48 7.04
C ASP A 35 -22.43 -2.99 7.06
N PHE A 36 -21.44 -2.10 6.96
CA PHE A 36 -21.70 -0.67 6.78
C PHE A 36 -22.55 -0.40 5.54
N GLY A 37 -22.27 -1.12 4.45
CA GLY A 37 -23.02 -0.97 3.19
C GLY A 37 -24.30 -1.79 3.17
N SER A 38 -25.27 -1.36 3.96
CA SER A 38 -26.52 -2.08 4.16
C SER A 38 -27.68 -1.12 4.43
N CYS A 42 -27.07 3.74 5.82
CA CYS A 42 -27.22 4.32 7.16
C CYS A 42 -26.09 5.32 7.44
N GLU A 43 -26.14 6.44 6.73
CA GLU A 43 -25.11 7.49 6.74
C GLU A 43 -24.76 8.04 8.13
N LYS A 44 -25.76 8.04 9.03
CA LYS A 44 -25.63 8.57 10.39
C LYS A 44 -24.70 7.71 11.25
N THR A 45 -24.74 6.39 11.03
CA THR A 45 -23.95 5.44 11.80
C THR A 45 -22.47 5.49 11.39
N SER A 46 -22.22 5.93 10.16
CA SER A 46 -20.88 6.15 9.64
C SER A 46 -20.27 7.45 10.17
N PHE A 47 -21.08 8.52 10.18
CA PHE A 47 -20.66 9.84 10.70
C PHE A 47 -20.11 9.76 12.13
N MET A 48 -20.84 9.06 13.00
CA MET A 48 -20.50 8.96 14.42
C MET A 48 -19.21 8.20 14.58
N PHE A 49 -19.03 7.19 13.75
CA PHE A 49 -17.78 6.47 13.69
C PHE A 49 -16.62 7.35 13.17
N LEU A 50 -16.78 7.93 12.01
CA LEU A 50 -15.68 8.61 11.31
C LEU A 50 -15.26 9.95 11.94
N ARG A 51 -16.19 10.66 12.58
CA ARG A 51 -15.89 11.94 13.22
C ARG A 51 -14.90 11.77 14.38
N GLN A 52 -14.88 10.59 14.99
CA GLN A 52 -13.81 10.23 15.92
C GLN A 52 -12.67 9.48 15.24
N GLU A 53 -12.98 8.43 14.48
CA GLU A 53 -11.91 7.60 13.92
C GLU A 53 -10.94 8.37 13.02
N LEU A 54 -11.44 9.27 12.19
CA LEU A 54 -10.53 9.95 11.25
C LEU A 54 -9.52 10.86 11.95
N PRO A 55 -9.98 11.77 12.86
CA PRO A 55 -9.06 12.52 13.70
C PRO A 55 -8.07 11.61 14.45
N VAL A 56 -8.52 10.48 14.98
CA VAL A 56 -7.58 9.57 15.69
C VAL A 56 -6.49 9.03 14.75
N ARG A 57 -6.91 8.52 13.60
CA ARG A 57 -5.94 8.01 12.62
C ARG A 57 -4.99 9.09 12.09
N LEU A 58 -5.53 10.24 11.69
CA LEU A 58 -4.71 11.38 11.27
C LEU A 58 -3.71 11.78 12.37
N ALA A 59 -4.23 12.01 13.58
CA ALA A 59 -3.37 12.45 14.69
C ALA A 59 -2.24 11.48 15.09
N ASN A 60 -2.53 10.17 15.13
CA ASN A 60 -1.51 9.14 15.43
C ASN A 60 -0.34 9.20 14.44
N ILE A 61 -0.64 9.19 13.14
CA ILE A 61 0.44 9.28 12.12
C ILE A 61 1.17 10.63 12.12
N MET A 62 0.45 11.71 12.37
CA MET A 62 1.04 13.06 12.42
C MET A 62 2.11 13.18 13.50
N LYS A 63 1.95 12.48 14.63
CA LYS A 63 2.99 12.49 15.65
C LYS A 63 4.29 11.85 15.15
N GLU A 64 4.18 10.87 14.27
CA GLU A 64 5.37 10.21 13.71
C GLU A 64 6.11 11.02 12.62
N ILE A 65 5.33 11.72 11.78
CA ILE A 65 5.88 12.68 10.81
C ILE A 65 6.83 13.62 11.59
N SER A 66 6.39 14.08 12.76
CA SER A 66 7.15 15.02 13.61
C SER A 66 8.48 14.44 14.14
N LEU A 67 8.61 13.12 14.10
CA LEU A 67 9.81 12.47 14.62
C LEU A 67 10.84 12.20 13.54
N LEU A 68 10.47 12.49 12.29
CA LEU A 68 11.38 12.30 11.15
C LEU A 68 12.69 13.09 11.29
N PRO A 69 13.76 12.63 10.63
CA PRO A 69 14.97 13.43 10.64
C PRO A 69 14.61 14.83 10.14
N ASP A 70 15.14 15.84 10.81
CA ASP A 70 14.90 17.25 10.49
C ASP A 70 15.11 17.55 8.99
N ASN A 71 16.17 17.01 8.41
CA ASN A 71 16.46 17.23 7.00
C ASN A 71 15.45 16.55 6.05
N LEU A 72 14.75 15.53 6.54
CA LEU A 72 13.61 14.93 5.80
C LEU A 72 12.35 15.76 6.02
N LEU A 73 12.04 16.02 7.29
CA LEU A 73 10.88 16.82 7.68
C LEU A 73 10.84 18.15 6.92
N ARG A 74 11.97 18.85 6.91
CA ARG A 74 12.07 20.17 6.32
C ARG A 74 11.99 20.22 4.80
N THR A 75 12.02 19.09 4.10
CA THR A 75 11.92 19.11 2.62
C THR A 75 10.60 19.78 2.17
N PRO A 76 10.59 20.41 0.98
CA PRO A 76 9.34 21.02 0.48
C PRO A 76 8.18 20.02 0.39
N SER A 77 8.48 18.82 -0.10
CA SER A 77 7.49 17.78 -0.31
C SER A 77 6.85 17.26 0.98
N VAL A 78 7.67 16.96 1.98
CA VAL A 78 7.17 16.51 3.28
C VAL A 78 6.39 17.66 3.98
N GLN A 79 6.89 18.89 3.82
CA GLN A 79 6.17 20.05 4.36
C GLN A 79 4.81 20.21 3.69
N LEU A 80 4.74 19.96 2.39
CA LEU A 80 3.47 19.99 1.71
C LEU A 80 2.53 18.90 2.28
N VAL A 81 3.00 17.66 2.37
CA VAL A 81 2.19 16.54 2.86
C VAL A 81 1.69 16.78 4.31
N GLN A 82 2.58 17.23 5.17
CA GLN A 82 2.20 17.59 6.51
C GLN A 82 1.13 18.66 6.56
N SER A 83 1.27 19.71 5.73
CA SER A 83 0.25 20.76 5.63
C SER A 83 -1.14 20.24 5.22
N TRP A 84 -1.16 19.19 4.39
CA TRP A 84 -2.42 18.58 3.91
C TRP A 84 -3.09 17.83 5.08
N TYR A 85 -2.26 17.10 5.85
CA TYR A 85 -2.74 16.36 7.01
C TYR A 85 -3.32 17.32 8.05
N ILE A 86 -2.61 18.44 8.27
CA ILE A 86 -3.05 19.49 9.19
C ILE A 86 -4.39 20.11 8.75
N GLN A 87 -4.51 20.48 7.47
CA GLN A 87 -5.77 20.99 6.94
C GLN A 87 -6.93 19.99 7.07
N SER A 88 -6.67 18.73 6.73
CA SER A 88 -7.65 17.64 6.87
C SER A 88 -8.16 17.42 8.30
N LEU A 89 -7.24 17.25 9.24
CA LEU A 89 -7.59 17.19 10.67
C LEU A 89 -8.49 18.33 11.12
N GLN A 90 -8.12 19.57 10.78
CA GLN A 90 -8.86 20.76 11.22
C GLN A 90 -10.28 20.77 10.69
N GLU A 91 -10.47 20.23 9.49
CA GLU A 91 -11.77 20.20 8.85
C GLU A 91 -12.70 19.14 9.44
N LEU A 92 -12.13 18.01 9.81
CA LEU A 92 -12.89 16.92 10.45
C LEU A 92 -13.23 17.26 11.91
N LEU A 93 -12.31 17.94 12.58
CA LEU A 93 -12.49 18.42 13.95
C LEU A 93 -13.43 19.62 14.05
N ASP A 94 -13.92 20.09 12.90
CA ASP A 94 -14.99 21.09 12.85
C ASP A 94 -16.35 20.46 13.19
N PHE A 95 -16.38 19.13 13.23
CA PHE A 95 -17.62 18.38 13.41
C PHE A 95 -17.79 17.72 14.79
N LYS A 96 -16.74 17.79 15.61
CA LYS A 96 -16.66 17.03 16.87
C LYS A 96 -17.89 17.14 17.78
N ASP A 97 -18.50 18.33 17.81
CA ASP A 97 -19.66 18.58 18.64
C ASP A 97 -20.93 18.68 17.81
N LYS A 98 -20.80 19.25 16.61
CA LYS A 98 -21.94 19.44 15.69
C LYS A 98 -22.92 18.27 15.74
N SER A 99 -24.21 18.60 15.89
CA SER A 99 -25.23 17.61 16.30
C SER A 99 -25.33 16.35 15.43
N ALA A 100 -25.30 15.19 16.12
CA ALA A 100 -25.46 13.87 15.49
C ALA A 100 -26.83 13.72 14.81
N GLU A 101 -27.83 14.41 15.33
CA GLU A 101 -29.19 14.36 14.78
C GLU A 101 -29.38 15.34 13.62
N ASP A 102 -28.44 16.27 13.46
CA ASP A 102 -28.54 17.31 12.43
C ASP A 102 -28.30 16.75 11.04
N ALA A 103 -29.23 17.02 10.14
CA ALA A 103 -29.17 16.51 8.77
C ALA A 103 -28.20 17.31 7.89
N LYS A 104 -28.06 18.62 8.17
CA LYS A 104 -27.12 19.49 7.46
C LYS A 104 -25.68 19.11 7.80
N ALA A 105 -25.43 18.83 9.07
CA ALA A 105 -24.10 18.49 9.56
C ALA A 105 -23.58 17.20 8.94
N ILE A 106 -24.46 16.21 8.78
CA ILE A 106 -24.09 14.93 8.17
C ILE A 106 -23.90 15.09 6.66
N TYR A 107 -24.72 15.93 6.03
CA TYR A 107 -24.50 16.33 4.64
C TYR A 107 -23.14 17.01 4.50
N ASP A 108 -22.81 17.88 5.46
CA ASP A 108 -21.55 18.64 5.46
C ASP A 108 -20.37 17.74 5.76
N PHE A 109 -20.61 16.68 6.54
CA PHE A 109 -19.57 15.71 6.82
C PHE A 109 -19.26 14.86 5.60
N THR A 110 -20.31 14.26 5.03
CA THR A 110 -20.15 13.49 3.79
C THR A 110 -19.54 14.35 2.70
N ASP A 111 -19.86 15.64 2.70
CA ASP A 111 -19.17 16.56 1.80
C ASP A 111 -17.69 16.78 2.15
N THR A 112 -17.38 16.96 3.43
CA THR A 112 -15.99 17.14 3.85
C THR A 112 -15.14 15.90 3.55
N VAL A 113 -15.73 14.72 3.76
CA VAL A 113 -15.06 13.43 3.50
C VAL A 113 -14.79 13.27 2.01
N ILE A 114 -15.84 13.46 1.21
CA ILE A 114 -15.76 13.52 -0.26
C ILE A 114 -14.74 14.56 -0.69
N ARG A 115 -14.69 15.67 0.05
CA ARG A 115 -13.81 16.78 -0.29
C ARG A 115 -12.38 16.35 -0.14
N ILE A 116 -12.02 15.90 1.07
CA ILE A 116 -10.69 15.36 1.43
C ILE A 116 -10.22 14.20 0.53
N ARG A 117 -11.13 13.27 0.23
CA ARG A 117 -10.80 12.12 -0.63
C ARG A 117 -10.41 12.55 -2.04
N ASN A 118 -11.26 13.35 -2.68
CA ASN A 118 -11.08 13.74 -4.08
C ASN A 118 -10.03 14.83 -4.31
N ARG A 119 -9.23 15.12 -3.28
CA ARG A 119 -8.24 16.20 -3.43
C ARG A 119 -6.78 15.75 -3.39
N HIS A 120 -6.44 14.77 -2.56
CA HIS A 120 -5.02 14.47 -2.34
C HIS A 120 -4.53 13.08 -2.71
N ASN A 121 -4.87 12.71 -3.94
CA ASN A 121 -4.47 11.46 -4.57
C ASN A 121 -2.96 11.31 -4.77
N ASP A 122 -2.22 12.34 -4.37
CA ASP A 122 -0.85 12.55 -4.82
C ASP A 122 0.17 12.33 -3.71
N VAL A 123 -0.32 12.00 -2.52
CA VAL A 123 0.50 11.93 -1.33
C VAL A 123 1.66 10.95 -1.45
N ILE A 124 1.40 9.78 -2.04
CA ILE A 124 2.40 8.72 -2.17
C ILE A 124 3.63 9.10 -3.00
N PRO A 125 3.44 9.57 -4.27
CA PRO A 125 4.63 10.11 -4.95
C PRO A 125 5.20 11.40 -4.33
N THR A 126 4.39 12.14 -3.59
CA THR A 126 4.88 13.42 -3.03
C THR A 126 5.79 13.14 -1.83
N MET A 127 5.39 12.21 -0.98
CA MET A 127 6.25 11.74 0.11
C MET A 127 7.55 11.12 -0.46
N ALA A 128 7.42 10.30 -1.52
CA ALA A 128 8.59 9.76 -2.26
C ALA A 128 9.52 10.81 -2.87
N GLN A 129 8.96 11.96 -3.27
CA GLN A 129 9.77 13.11 -3.74
C GLN A 129 10.54 13.70 -2.56
N GLY A 130 9.90 13.77 -1.41
CA GLY A 130 10.54 14.23 -0.16
C GLY A 130 11.76 13.42 0.22
N VAL A 131 11.65 12.11 0.09
CA VAL A 131 12.79 11.20 0.27
C VAL A 131 13.92 11.45 -0.75
N ILE A 132 13.57 11.75 -2.00
CA ILE A 132 14.57 12.16 -3.02
C ILE A 132 15.22 13.47 -2.61
N GLU A 133 14.41 14.45 -2.21
CA GLU A 133 14.93 15.76 -1.80
C GLU A 133 15.89 15.55 -0.62
N TYR A 134 15.53 14.64 0.28
CA TYR A 134 16.35 14.29 1.46
C TYR A 134 17.71 13.66 1.10
N LYS A 135 17.70 12.60 0.30
CA LYS A 135 18.95 12.00 -0.21
C LYS A 135 19.82 12.96 -0.98
N GLU A 136 19.19 13.86 -1.74
CA GLU A 136 19.90 14.76 -2.66
C GLU A 136 20.78 15.79 -1.96
N SER A 137 20.27 16.39 -0.88
CA SER A 137 20.99 17.47 -0.20
C SER A 137 21.72 17.03 1.06
N PHE A 138 21.54 15.77 1.44
CA PHE A 138 22.09 15.24 2.68
C PHE A 138 22.51 13.79 2.48
N ASP A 141 22.84 9.08 5.98
CA ASP A 141 22.89 8.74 7.40
C ASP A 141 22.25 7.37 7.70
N PRO A 142 23.04 6.42 8.25
CA PRO A 142 22.58 5.04 8.46
C PRO A 142 21.75 4.81 9.73
N VAL A 143 21.99 5.60 10.77
CA VAL A 143 21.22 5.52 12.02
C VAL A 143 19.77 5.92 11.79
N THR A 144 19.59 7.14 11.25
CA THR A 144 18.27 7.71 10.99
C THR A 144 17.55 7.05 9.81
N SER A 145 18.29 6.36 8.94
CA SER A 145 17.70 5.66 7.79
C SER A 145 16.91 4.42 8.17
N GLN A 146 17.23 3.84 9.33
CA GLN A 146 16.37 2.81 9.93
C GLN A 146 15.05 3.47 10.37
N ASN A 147 15.13 4.71 10.85
CA ASN A 147 13.92 5.45 11.24
C ASN A 147 13.06 5.71 10.02
N VAL A 148 13.70 6.05 8.90
CA VAL A 148 12.96 6.33 7.69
C VAL A 148 12.19 5.10 7.19
N GLN A 149 12.85 3.94 7.15
CA GLN A 149 12.19 2.70 6.79
C GLN A 149 10.96 2.39 7.68
N TYR A 150 11.15 2.52 8.99
CA TYR A 150 10.11 2.27 9.99
C TYR A 150 8.93 3.22 9.77
N PHE A 151 9.22 4.52 9.65
CA PHE A 151 8.20 5.49 9.39
C PHE A 151 7.41 5.21 8.11
N LEU A 152 8.09 4.96 6.99
CA LEU A 152 7.41 4.90 5.71
C LEU A 152 6.48 3.69 5.62
N ASP A 153 6.87 2.56 6.18
CA ASP A 153 5.92 1.43 6.24
C ASP A 153 4.65 1.88 7.00
N ARG A 154 4.87 2.58 8.13
CA ARG A 154 3.74 3.01 8.99
C ARG A 154 2.88 4.08 8.35
N PHE A 155 3.53 5.15 7.84
CA PHE A 155 2.87 6.19 7.05
C PHE A 155 2.03 5.67 5.85
N TYR A 156 2.61 4.84 5.02
CA TYR A 156 1.90 4.31 3.86
C TYR A 156 0.80 3.31 4.25
N MET A 157 1.03 2.54 5.31
CA MET A 157 -0.04 1.64 5.83
C MET A 157 -1.21 2.46 6.40
N SER A 158 -0.87 3.43 7.25
CA SER A 158 -1.84 4.42 7.74
C SER A 158 -2.63 5.03 6.59
N ARG A 159 -1.93 5.39 5.51
CA ARG A 159 -2.56 6.02 4.36
C ARG A 159 -3.56 5.12 3.65
N ILE A 160 -3.19 3.87 3.47
CA ILE A 160 -4.07 2.85 2.92
C ILE A 160 -5.37 2.79 3.77
N SER A 161 -5.20 2.75 5.09
CA SER A 161 -6.30 2.66 6.05
C SER A 161 -7.23 3.88 6.01
N ILE A 162 -6.63 5.07 5.93
CA ILE A 162 -7.39 6.32 5.95
C ILE A 162 -8.15 6.46 4.64
N ARG A 163 -7.48 6.13 3.54
CA ARG A 163 -8.08 6.15 2.20
C ARG A 163 -9.24 5.16 2.05
N MET A 164 -9.06 3.96 2.59
CA MET A 164 -10.12 2.96 2.71
C MET A 164 -11.42 3.56 3.32
N LEU A 165 -11.29 4.22 4.46
CA LEU A 165 -12.46 4.82 5.16
C LEU A 165 -13.08 5.94 4.34
N LEU A 166 -12.22 6.76 3.72
CA LEU A 166 -12.69 7.89 2.87
C LEU A 166 -13.40 7.37 1.63
N ASN A 167 -12.80 6.37 0.99
CA ASN A 167 -13.37 5.68 -0.18
C ASN A 167 -14.70 4.99 0.10
N GLN A 168 -14.80 4.23 1.19
CA GLN A 168 -16.07 3.59 1.56
C GLN A 168 -17.20 4.59 1.81
N HIS A 169 -16.94 5.59 2.63
CA HIS A 169 -17.93 6.62 2.94
C HIS A 169 -18.36 7.48 1.74
N SER A 170 -17.41 7.80 0.86
CA SER A 170 -17.70 8.63 -0.31
C SER A 170 -18.42 7.86 -1.40
N LEU A 171 -18.15 6.57 -1.47
CA LEU A 171 -18.80 5.71 -2.47
C LEU A 171 -20.23 5.33 -2.09
N LEU A 172 -20.43 5.02 -0.80
CA LEU A 172 -21.73 4.60 -0.29
C LEU A 172 -22.73 5.76 -0.17
N PHE A 173 -22.24 6.95 0.19
CA PHE A 173 -23.10 8.10 0.49
C PHE A 173 -22.86 9.30 -0.42
N GLY A 174 -22.08 9.12 -1.48
CA GLY A 174 -21.77 10.19 -2.43
C GLY A 174 -22.61 10.16 -3.69
N HIS A 186 -21.11 -4.57 -5.63
CA HIS A 186 -19.99 -3.75 -5.13
C HIS A 186 -20.46 -2.91 -3.94
N ILE A 187 -19.75 -3.07 -2.82
CA ILE A 187 -20.07 -2.39 -1.55
C ILE A 187 -18.98 -1.36 -1.26
N GLY A 188 -19.18 -0.15 -1.79
CA GLY A 188 -18.11 0.84 -1.89
C GLY A 188 -17.01 0.30 -2.79
N SER A 189 -15.78 0.24 -2.26
CA SER A 189 -14.66 -0.32 -3.01
C SER A 189 -14.48 -1.83 -2.78
N ILE A 190 -15.31 -2.41 -1.90
CA ILE A 190 -15.25 -3.87 -1.70
C ILE A 190 -16.13 -4.57 -2.71
N ASN A 191 -15.57 -5.59 -3.35
CA ASN A 191 -16.35 -6.51 -4.17
C ASN A 191 -16.47 -7.81 -3.39
N PRO A 192 -17.71 -8.17 -2.98
CA PRO A 192 -17.91 -9.40 -2.19
C PRO A 192 -17.57 -10.65 -3.00
N ASN A 193 -17.50 -10.49 -4.31
CA ASN A 193 -17.20 -11.58 -5.22
C ASN A 193 -16.07 -11.18 -6.18
N CYS A 194 -14.91 -10.85 -5.63
CA CYS A 194 -13.81 -10.42 -6.46
C CYS A 194 -13.29 -11.56 -7.34
N ASN A 195 -13.38 -11.41 -8.66
CA ASN A 195 -12.87 -12.43 -9.56
C ASN A 195 -11.37 -12.30 -9.68
N VAL A 196 -10.67 -13.21 -9.02
CA VAL A 196 -9.23 -13.11 -8.82
C VAL A 196 -8.47 -13.24 -10.12
N LEU A 197 -8.82 -14.22 -10.95
CA LEU A 197 -8.08 -14.40 -12.19
C LEU A 197 -8.27 -13.25 -13.19
N GLU A 198 -9.48 -12.72 -13.23
CA GLU A 198 -9.81 -11.54 -14.03
C GLU A 198 -8.88 -10.37 -13.63
N VAL A 199 -8.77 -10.08 -12.33
CA VAL A 199 -7.86 -9.02 -11.85
C VAL A 199 -6.42 -9.30 -12.28
N ILE A 200 -5.98 -10.55 -12.08
CA ILE A 200 -4.63 -10.98 -12.48
C ILE A 200 -4.36 -10.71 -13.99
N LYS A 201 -5.31 -11.10 -14.84
CA LYS A 201 -5.15 -10.94 -16.30
C LYS A 201 -5.07 -9.45 -16.71
N ASP A 202 -5.82 -8.60 -16.00
CA ASP A 202 -5.84 -7.14 -16.21
C ASP A 202 -4.48 -6.55 -15.80
N GLY A 203 -3.98 -6.98 -14.65
CA GLY A 203 -2.63 -6.67 -14.20
C GLY A 203 -1.53 -7.11 -15.19
N TYR A 204 -1.67 -8.32 -15.72
CA TYR A 204 -0.73 -8.82 -16.73
C TYR A 204 -0.75 -7.96 -17.99
N GLU A 205 -1.93 -7.67 -18.51
CA GLU A 205 -2.01 -6.97 -19.79
C GLU A 205 -1.47 -5.55 -19.68
N ASN A 206 -1.75 -4.89 -18.57
CA ASN A 206 -1.28 -3.55 -18.35
C ASN A 206 0.24 -3.47 -18.14
N ALA A 207 0.79 -4.42 -17.39
CA ALA A 207 2.24 -4.56 -17.28
C ALA A 207 2.87 -4.87 -18.64
N ARG A 208 2.25 -5.76 -19.40
CA ARG A 208 2.78 -6.19 -20.69
C ARG A 208 2.91 -5.07 -21.69
N ARG A 209 1.93 -4.15 -21.70
CA ARG A 209 1.92 -3.00 -22.58
C ARG A 209 3.16 -2.11 -22.30
N LEU A 210 3.38 -1.83 -21.03
CA LEU A 210 4.60 -1.13 -20.56
C LEU A 210 5.91 -1.87 -20.90
N CYS A 211 5.92 -3.19 -20.72
CA CYS A 211 7.06 -4.02 -21.09
C CYS A 211 7.36 -3.94 -22.58
N ASP A 212 6.32 -4.08 -23.42
CA ASP A 212 6.48 -3.93 -24.87
C ASP A 212 7.05 -2.57 -25.24
N LEU A 213 6.58 -1.54 -24.56
CA LEU A 213 7.04 -0.18 -24.81
C LEU A 213 8.55 -0.01 -24.52
N TYR A 214 9.02 -0.61 -23.43
CA TYR A 214 10.39 -0.36 -22.96
C TYR A 214 11.38 -1.33 -23.61
N TYR A 215 10.99 -2.60 -23.68
CA TYR A 215 11.89 -3.66 -24.19
C TYR A 215 11.62 -4.17 -25.59
N ILE A 216 10.52 -3.72 -26.21
CA ILE A 216 10.14 -4.09 -27.57
C ILE A 216 9.78 -5.57 -27.67
N ASN A 217 9.51 -6.17 -26.52
CA ASN A 217 9.13 -7.56 -26.41
C ASN A 217 8.69 -7.75 -24.97
N SER A 218 8.10 -8.90 -24.65
CA SER A 218 7.58 -9.17 -23.31
C SER A 218 7.35 -10.68 -23.13
N PRO A 219 7.38 -11.18 -21.87
CA PRO A 219 7.11 -12.62 -21.68
C PRO A 219 5.60 -12.89 -21.78
N GLU A 220 5.22 -14.11 -22.17
CA GLU A 220 3.81 -14.51 -22.19
C GLU A 220 3.39 -14.87 -20.76
N LEU A 221 2.09 -15.02 -20.54
CA LEU A 221 1.59 -15.43 -19.22
C LEU A 221 1.16 -16.89 -19.32
N GLU A 222 1.48 -17.68 -18.31
CA GLU A 222 0.92 -19.02 -18.11
C GLU A 222 0.23 -19.00 -16.74
N LEU A 223 -1.08 -19.24 -16.76
CA LEU A 223 -1.94 -19.07 -15.60
C LEU A 223 -2.59 -20.41 -15.30
N GLU A 224 -2.44 -20.85 -14.05
CA GLU A 224 -2.90 -22.14 -13.55
C GLU A 224 -3.73 -21.82 -12.30
N GLU A 225 -4.81 -22.54 -12.07
CA GLU A 225 -5.60 -22.30 -10.87
C GLU A 225 -6.07 -23.59 -10.20
N LEU A 226 -6.18 -23.54 -8.87
CA LEU A 226 -6.71 -24.65 -8.13
C LEU A 226 -7.62 -24.15 -7.02
N ASN A 227 -8.88 -24.47 -7.13
CA ASN A 227 -9.79 -24.21 -6.04
C ASN A 227 -9.86 -25.49 -5.22
N ALA A 228 -9.01 -25.58 -4.20
CA ALA A 228 -8.97 -26.76 -3.33
C ALA A 228 -10.26 -26.78 -2.52
N LYS A 229 -10.65 -25.59 -2.03
CA LYS A 229 -11.92 -25.42 -1.33
C LYS A 229 -13.07 -26.11 -2.07
N SER A 230 -13.25 -25.78 -3.37
CA SER A 230 -14.31 -26.33 -4.25
C SER A 230 -13.81 -26.54 -5.70
N PRO A 231 -13.21 -27.70 -5.99
CA PRO A 231 -12.46 -27.98 -7.25
C PRO A 231 -13.14 -27.73 -8.61
N GLY A 232 -12.51 -26.88 -9.42
CA GLY A 232 -13.03 -26.51 -10.75
C GLY A 232 -14.03 -25.37 -10.77
N GLN A 233 -14.40 -24.87 -9.58
CA GLN A 233 -15.22 -23.68 -9.44
C GLN A 233 -14.36 -22.40 -9.47
N PRO A 234 -14.92 -21.29 -10.01
CA PRO A 234 -14.26 -19.98 -10.00
C PRO A 234 -13.79 -19.57 -8.60
N ILE A 235 -12.60 -18.99 -8.57
CA ILE A 235 -11.98 -18.54 -7.32
C ILE A 235 -12.37 -17.09 -7.11
N GLN A 236 -13.16 -16.85 -6.06
CA GLN A 236 -13.58 -15.50 -5.68
C GLN A 236 -13.35 -15.30 -4.19
N VAL A 237 -13.11 -14.06 -3.79
CA VAL A 237 -13.02 -13.72 -2.36
C VAL A 237 -13.63 -12.34 -2.15
N VAL A 238 -13.94 -12.01 -0.89
CA VAL A 238 -14.34 -10.65 -0.53
C VAL A 238 -13.03 -9.89 -0.50
N TYR A 239 -12.92 -8.85 -1.31
CA TYR A 239 -11.68 -8.10 -1.39
C TYR A 239 -11.89 -6.74 -2.03
N VAL A 240 -10.89 -5.88 -1.89
CA VAL A 240 -10.81 -4.62 -2.64
C VAL A 240 -10.03 -4.87 -3.94
N PRO A 241 -10.73 -4.88 -5.10
CA PRO A 241 -10.12 -5.25 -6.37
C PRO A 241 -8.89 -4.39 -6.75
N SER A 242 -8.94 -3.09 -6.44
CA SER A 242 -7.85 -2.17 -6.80
C SER A 242 -6.61 -2.48 -5.96
N HIS A 243 -6.78 -3.00 -4.75
CA HIS A 243 -5.64 -3.46 -3.95
C HIS A 243 -4.97 -4.67 -4.54
N LEU A 244 -5.79 -5.68 -4.85
CA LEU A 244 -5.29 -6.85 -5.55
C LEU A 244 -4.61 -6.44 -6.86
N TYR A 245 -5.25 -5.54 -7.63
CA TYR A 245 -4.66 -5.04 -8.88
C TYR A 245 -3.25 -4.44 -8.65
N HIS A 246 -3.14 -3.50 -7.71
CA HIS A 246 -1.83 -2.86 -7.46
CA HIS A 246 -1.85 -2.87 -7.39
C HIS A 246 -0.75 -3.93 -7.22
N MET A 247 -1.05 -4.94 -6.38
CA MET A 247 -0.11 -5.95 -6.04
C MET A 247 0.36 -6.77 -7.24
N VAL A 248 -0.61 -7.24 -8.05
CA VAL A 248 -0.23 -8.11 -9.15
C VAL A 248 0.45 -7.33 -10.29
N PHE A 249 -0.04 -6.12 -10.53
CA PHE A 249 0.53 -5.24 -11.55
C PHE A 249 1.99 -4.93 -11.22
N GLU A 250 2.27 -4.59 -9.96
CA GLU A 250 3.64 -4.30 -9.54
C GLU A 250 4.54 -5.53 -9.60
N LEU A 251 3.98 -6.69 -9.24
CA LEU A 251 4.77 -7.91 -9.30
C LEU A 251 5.11 -8.33 -10.73
N PHE A 252 4.15 -8.13 -11.65
CA PHE A 252 4.34 -8.43 -13.06
C PHE A 252 5.47 -7.55 -13.65
N LYS A 253 5.40 -6.25 -13.38
CA LYS A 253 6.45 -5.31 -13.79
C LYS A 253 7.86 -5.73 -13.36
N ASN A 254 7.99 -6.14 -12.09
CA ASN A 254 9.19 -6.69 -11.50
C ASN A 254 9.65 -8.00 -12.15
N ALA A 255 8.72 -8.94 -12.36
CA ALA A 255 9.01 -10.20 -13.05
C ALA A 255 9.44 -9.95 -14.51
N MET A 256 8.73 -9.06 -15.19
CA MET A 256 9.03 -8.70 -16.56
C MET A 256 10.41 -8.06 -16.75
N ARG A 257 10.70 -7.03 -15.95
CA ARG A 257 12.02 -6.36 -15.96
C ARG A 257 13.14 -7.39 -15.75
N ALA A 258 13.03 -8.22 -14.72
CA ALA A 258 14.02 -9.27 -14.44
C ALA A 258 14.19 -10.16 -15.67
N THR A 259 13.07 -10.60 -16.24
CA THR A 259 13.11 -11.48 -17.40
C THR A 259 13.78 -10.84 -18.63
N MET A 260 13.38 -9.61 -18.95
CA MET A 260 13.86 -8.96 -20.19
C MET A 260 15.34 -8.62 -20.08
N GLU A 261 15.76 -8.23 -18.89
CA GLU A 261 17.15 -7.85 -18.63
C GLU A 261 18.11 -9.02 -18.52
N HIS A 262 17.59 -10.18 -18.15
CA HIS A 262 18.43 -11.38 -18.01
C HIS A 262 18.68 -12.05 -19.36
N HIS A 263 17.61 -12.17 -20.14
CA HIS A 263 17.63 -12.95 -21.38
C HIS A 263 17.88 -12.11 -22.65
N ALA A 264 18.20 -10.82 -22.42
CA ALA A 264 18.47 -9.81 -23.45
C ALA A 264 19.34 -10.29 -24.63
N ASN A 265 20.36 -11.10 -24.34
CA ASN A 265 21.25 -11.63 -25.39
C ASN A 265 20.59 -12.71 -26.25
N ARG A 266 19.88 -13.64 -25.59
CA ARG A 266 19.24 -14.79 -26.25
C ARG A 266 18.08 -14.38 -27.18
N GLY A 267 17.28 -13.40 -26.75
CA GLY A 267 16.10 -12.99 -27.52
C GLY A 267 14.94 -13.97 -27.42
N VAL A 268 15.06 -14.90 -26.47
CA VAL A 268 14.01 -15.87 -26.16
C VAL A 268 13.64 -15.65 -24.70
N TYR A 269 12.40 -15.27 -24.44
CA TYR A 269 12.01 -14.81 -23.12
C TYR A 269 11.00 -15.73 -22.44
N PRO A 270 11.41 -16.39 -21.33
CA PRO A 270 10.56 -17.40 -20.71
C PRO A 270 9.27 -16.80 -20.17
N PRO A 271 8.16 -17.55 -20.22
CA PRO A 271 6.92 -16.97 -19.73
C PRO A 271 6.95 -16.63 -18.24
N ILE A 272 6.09 -15.73 -17.80
CA ILE A 272 5.83 -15.60 -16.36
C ILE A 272 4.72 -16.59 -15.99
N GLN A 273 4.99 -17.44 -15.00
CA GLN A 273 4.01 -18.46 -14.58
C GLN A 273 3.34 -18.04 -13.28
N VAL A 274 2.01 -18.02 -13.28
CA VAL A 274 1.20 -17.65 -12.13
C VAL A 274 0.31 -18.83 -11.71
N HIS A 275 0.41 -19.21 -10.44
CA HIS A 275 -0.41 -20.25 -9.84
C HIS A 275 -1.25 -19.69 -8.72
N VAL A 276 -2.56 -19.82 -8.89
CA VAL A 276 -3.54 -19.34 -7.91
C VAL A 276 -4.20 -20.54 -7.22
N THR A 277 -4.24 -20.49 -5.90
CA THR A 277 -4.83 -21.54 -5.09
C THR A 277 -5.72 -20.91 -4.07
N LEU A 278 -6.94 -21.42 -3.98
CA LEU A 278 -7.82 -21.16 -2.85
C LEU A 278 -7.80 -22.34 -1.89
N GLY A 279 -7.28 -22.11 -0.69
CA GLY A 279 -7.33 -23.13 0.35
C GLY A 279 -8.39 -22.75 1.35
N ASN A 280 -8.45 -23.51 2.45
CA ASN A 280 -9.37 -23.34 3.55
C ASN A 280 -9.24 -21.97 4.20
N GLU A 281 -8.03 -21.47 4.26
CA GLU A 281 -7.71 -20.26 4.97
C GLU A 281 -7.01 -19.19 4.09
N ASP A 282 -6.17 -19.63 3.16
CA ASP A 282 -5.36 -18.71 2.32
C ASP A 282 -5.76 -18.78 0.85
N LEU A 283 -5.93 -17.59 0.25
CA LEU A 283 -5.83 -17.44 -1.19
C LEU A 283 -4.37 -17.11 -1.49
N THR A 284 -3.76 -17.85 -2.38
CA THR A 284 -2.34 -17.59 -2.68
C THR A 284 -2.19 -17.36 -4.16
N VAL A 285 -1.40 -16.33 -4.50
CA VAL A 285 -1.01 -16.09 -5.88
C VAL A 285 0.53 -16.16 -5.92
N LYS A 286 1.02 -17.21 -6.56
CA LYS A 286 2.44 -17.39 -6.79
C LYS A 286 2.83 -16.91 -8.21
N MET A 287 3.78 -15.99 -8.29
CA MET A 287 4.26 -15.49 -9.61
C MET A 287 5.72 -15.84 -9.76
N SER A 288 6.03 -16.57 -10.82
CA SER A 288 7.34 -17.19 -11.00
C SER A 288 7.99 -16.71 -12.29
N ASP A 289 9.23 -16.25 -12.19
CA ASP A 289 9.96 -15.73 -13.35
C ASP A 289 11.29 -16.46 -13.45
N ARG A 290 11.84 -16.49 -14.67
CA ARG A 290 13.17 -17.03 -14.90
C ARG A 290 14.14 -15.88 -15.22
N GLY A 291 14.06 -14.81 -14.42
CA GLY A 291 14.85 -13.60 -14.62
C GLY A 291 16.19 -13.54 -13.90
N GLY A 292 16.70 -14.68 -13.43
CA GLY A 292 18.09 -14.79 -12.99
C GLY A 292 18.33 -14.61 -11.50
N GLY A 293 17.30 -14.20 -10.78
CA GLY A 293 17.31 -14.09 -9.33
C GLY A 293 18.23 -13.03 -8.79
N VAL A 294 18.24 -12.95 -7.46
CA VAL A 294 18.99 -12.00 -6.65
C VAL A 294 19.45 -12.84 -5.47
N PRO A 295 20.72 -12.70 -5.02
CA PRO A 295 21.17 -13.41 -3.84
C PRO A 295 20.44 -12.93 -2.59
N LEU A 296 20.42 -13.79 -1.58
CA LEU A 296 19.62 -13.58 -0.37
C LEU A 296 20.01 -12.32 0.42
N ARG A 297 21.30 -11.97 0.39
CA ARG A 297 21.85 -10.75 0.99
C ARG A 297 21.14 -9.51 0.44
N LYS A 298 20.70 -9.56 -0.81
CA LYS A 298 20.19 -8.38 -1.50
C LYS A 298 18.69 -8.30 -1.65
N ILE A 299 18.01 -9.44 -1.56
CA ILE A 299 16.61 -9.47 -1.95
C ILE A 299 15.72 -8.48 -1.13
N ASP A 300 16.05 -8.26 0.14
CA ASP A 300 15.28 -7.32 0.96
C ASP A 300 15.38 -5.83 0.54
N ARG A 301 16.43 -5.49 -0.21
CA ARG A 301 16.57 -4.15 -0.78
C ARG A 301 15.37 -3.76 -1.64
N LEU A 302 14.70 -4.74 -2.24
CA LEU A 302 13.53 -4.45 -3.04
C LEU A 302 12.39 -3.84 -2.19
N PHE A 303 12.45 -4.04 -0.88
CA PHE A 303 11.41 -3.49 0.05
C PHE A 303 11.91 -2.28 0.86
N ASN A 304 13.14 -1.87 0.57
CA ASN A 304 13.79 -0.81 1.29
C ASN A 304 13.59 0.55 0.59
N TYR A 305 12.90 1.47 1.25
CA TYR A 305 12.60 2.79 0.67
C TYR A 305 13.84 3.57 0.23
N MET A 306 14.86 3.62 1.08
CA MET A 306 16.02 4.46 0.79
C MET A 306 16.83 3.92 -0.38
N TYR A 307 16.90 2.60 -0.48
CA TYR A 307 17.53 1.94 -1.62
C TYR A 307 16.64 2.02 -2.88
N SER A 308 15.32 1.92 -2.72
CA SER A 308 14.39 1.92 -3.85
C SER A 308 14.04 3.32 -4.37
N THR A 309 14.66 4.34 -3.77
CA THR A 309 14.43 5.73 -4.15
C THR A 309 15.12 6.07 -5.48
N ALA A 310 14.40 5.85 -6.59
CA ALA A 310 14.96 6.03 -7.95
C ALA A 310 14.54 7.37 -8.58
N PRO A 311 15.12 7.74 -9.74
CA PRO A 311 14.80 9.09 -10.21
C PRO A 311 13.37 9.12 -10.74
N ARG A 312 12.65 10.20 -10.49
CA ARG A 312 11.31 10.33 -11.00
C ARG A 312 11.38 10.54 -12.52
N PRO A 313 10.61 9.74 -13.31
CA PRO A 313 10.64 9.91 -14.77
C PRO A 313 10.25 11.35 -15.10
N ARG A 314 11.05 11.95 -15.95
CA ARG A 314 10.90 13.30 -16.47
C ARG A 314 9.75 13.40 -17.51
N VAL A 315 9.03 14.52 -17.50
CA VAL A 315 7.85 14.71 -18.35
C VAL A 315 8.26 14.91 -19.82
N GLU A 316 9.33 15.67 -20.02
CA GLU A 316 9.74 16.14 -21.33
C GLU A 316 10.54 15.09 -22.12
N THR A 317 9.87 13.97 -22.40
CA THR A 317 10.48 12.93 -23.21
C THR A 317 9.42 12.01 -23.81
N SER A 318 9.72 11.48 -24.99
CA SER A 318 8.91 10.39 -25.54
C SER A 318 9.49 9.00 -25.21
N ARG A 319 10.64 8.97 -24.51
CA ARG A 319 11.28 7.68 -24.17
C ARG A 319 10.44 6.91 -23.16
N ALA A 320 10.27 5.60 -23.40
CA ALA A 320 9.48 4.71 -22.57
C ALA A 320 9.90 4.75 -21.11
N VAL A 321 8.90 4.64 -20.24
CA VAL A 321 9.11 4.65 -18.81
C VAL A 321 9.61 3.25 -18.46
N PRO A 322 10.70 3.18 -17.67
CA PRO A 322 11.25 1.93 -17.15
C PRO A 322 10.23 1.23 -16.21
N LEU A 323 10.31 -0.10 -16.10
CA LEU A 323 9.36 -0.88 -15.26
C LEU A 323 9.75 -0.93 -13.79
N ALA A 324 11.00 -0.61 -13.52
CA ALA A 324 11.42 -0.39 -12.13
C ALA A 324 11.83 1.06 -11.96
N GLY A 325 11.61 1.56 -10.76
CA GLY A 325 12.15 2.84 -10.38
C GLY A 325 11.25 3.49 -9.37
N PHE A 326 11.09 4.79 -9.55
CA PHE A 326 10.31 5.66 -8.71
C PHE A 326 8.98 5.03 -8.33
N GLY A 327 8.56 5.31 -7.10
CA GLY A 327 7.18 5.13 -6.75
C GLY A 327 6.89 4.13 -5.65
N TYR A 328 7.91 3.35 -5.23
CA TYR A 328 7.80 2.35 -4.14
C TYR A 328 6.73 1.26 -4.37
N GLY A 329 6.60 0.84 -5.64
CA GLY A 329 5.67 -0.22 -6.04
C GLY A 329 5.69 -1.51 -5.22
N LEU A 330 6.86 -2.09 -5.03
CA LEU A 330 6.95 -3.36 -4.30
C LEU A 330 6.68 -3.25 -2.79
N PRO A 331 7.37 -2.29 -2.11
CA PRO A 331 7.09 -2.10 -0.67
C PRO A 331 5.62 -1.75 -0.40
N ILE A 332 5.01 -0.90 -1.24
CA ILE A 332 3.63 -0.58 -1.07
C ILE A 332 2.68 -1.74 -1.38
N SER A 333 3.03 -2.52 -2.41
CA SER A 333 2.29 -3.78 -2.68
C SER A 333 2.23 -4.68 -1.43
N ARG A 334 3.37 -4.82 -0.76
CA ARG A 334 3.47 -5.66 0.41
C ARG A 334 2.59 -5.11 1.56
N LEU A 335 2.55 -3.77 1.71
CA LEU A 335 1.69 -3.11 2.66
C LEU A 335 0.22 -3.38 2.38
N TYR A 336 -0.18 -3.36 1.11
CA TYR A 336 -1.54 -3.78 0.70
C TYR A 336 -1.85 -5.23 1.14
N ALA A 337 -0.92 -6.14 0.91
CA ALA A 337 -1.13 -7.54 1.34
C ALA A 337 -1.33 -7.61 2.86
N GLN A 338 -0.44 -6.95 3.59
CA GLN A 338 -0.42 -7.01 5.05
C GLN A 338 -1.55 -6.22 5.71
N TYR A 339 -2.09 -5.25 4.99
CA TYR A 339 -3.17 -4.42 5.54
C TYR A 339 -4.35 -5.25 6.05
N PHE A 340 -4.72 -6.32 5.32
CA PHE A 340 -5.82 -7.19 5.76
C PHE A 340 -5.33 -8.55 6.25
N GLN A 341 -4.14 -8.56 6.88
CA GLN A 341 -3.56 -9.76 7.51
C GLN A 341 -3.03 -10.77 6.50
N GLY A 342 -2.78 -10.30 5.28
CA GLY A 342 -2.11 -11.11 4.29
C GLY A 342 -0.61 -10.82 4.34
N ASP A 343 0.08 -11.21 3.28
CA ASP A 343 1.52 -11.02 3.19
C ASP A 343 1.96 -11.08 1.74
N LEU A 344 3.16 -10.63 1.49
CA LEU A 344 3.76 -10.71 0.18
C LEU A 344 5.21 -11.02 0.39
N LYS A 345 5.64 -12.19 -0.11
CA LYS A 345 6.99 -12.67 0.14
C LYS A 345 7.67 -12.99 -1.17
N LEU A 346 8.98 -12.74 -1.20
CA LEU A 346 9.79 -13.05 -2.33
C LEU A 346 10.79 -14.08 -1.96
N TYR A 347 11.00 -15.04 -2.83
N TYR A 347 11.02 -14.99 -2.90
CA TYR A 347 12.15 -15.86 -2.64
CA TYR A 347 11.93 -16.11 -2.72
C TYR A 347 12.75 -16.20 -3.95
C TYR A 347 12.73 -16.27 -4.01
N SER A 348 14.03 -15.93 -4.03
CA SER A 348 14.74 -16.05 -5.29
C SER A 348 15.89 -16.99 -5.23
N LEU A 349 16.13 -17.66 -6.36
CA LEU A 349 17.23 -18.57 -6.51
C LEU A 349 18.27 -17.90 -7.44
N GLU A 350 19.35 -17.40 -6.86
CA GLU A 350 20.31 -16.60 -7.61
C GLU A 350 20.88 -17.43 -8.76
N GLY A 351 20.72 -16.92 -9.97
CA GLY A 351 21.26 -17.59 -11.18
C GLY A 351 20.13 -18.22 -11.97
N TYR A 352 18.95 -18.26 -11.39
CA TYR A 352 17.86 -18.99 -12.01
C TYR A 352 16.59 -18.12 -12.17
N GLY A 353 15.98 -17.75 -11.06
CA GLY A 353 14.72 -17.02 -11.10
C GLY A 353 14.17 -16.74 -9.72
N THR A 354 12.96 -16.16 -9.69
CA THR A 354 12.33 -15.67 -8.48
C THR A 354 10.84 -16.04 -8.40
N ASP A 355 10.42 -16.46 -7.20
CA ASP A 355 9.00 -16.57 -6.87
C ASP A 355 8.56 -15.44 -5.95
N ALA A 356 7.47 -14.80 -6.33
CA ALA A 356 6.82 -13.81 -5.51
C ALA A 356 5.44 -14.42 -5.12
N VAL A 357 5.09 -14.37 -3.83
CA VAL A 357 3.83 -15.00 -3.38
C VAL A 357 2.98 -13.98 -2.63
N ILE A 358 1.77 -13.76 -3.13
CA ILE A 358 0.77 -12.98 -2.40
C ILE A 358 -0.05 -13.94 -1.53
N TYR A 359 -0.19 -13.60 -0.25
CA TYR A 359 -1.06 -14.35 0.69
C TYR A 359 -2.22 -13.44 1.06
N ILE A 360 -3.42 -13.86 0.74
CA ILE A 360 -4.62 -13.15 1.14
C ILE A 360 -5.51 -14.07 2.02
N LYS A 361 -6.12 -13.51 3.07
CA LYS A 361 -7.10 -14.25 3.87
C LYS A 361 -8.32 -14.62 3.03
N ALA A 362 -8.65 -15.91 3.06
CA ALA A 362 -9.78 -16.41 2.27
C ALA A 362 -11.11 -15.99 2.87
N LEU A 363 -11.12 -15.69 4.17
CA LEU A 363 -12.35 -15.45 4.92
C LEU A 363 -12.40 -13.99 5.34
N SER A 364 -13.53 -13.32 5.06
CA SER A 364 -13.67 -11.89 5.35
C SER A 364 -13.52 -11.61 6.86
N THR A 365 -13.92 -12.59 7.68
CA THR A 365 -13.81 -12.48 9.14
C THR A 365 -12.36 -12.57 9.67
N ASP A 366 -11.45 -13.17 8.89
CA ASP A 366 -10.02 -13.16 9.21
C ASP A 366 -9.34 -11.87 8.70
N SER A 367 -10.04 -11.12 7.84
CA SER A 367 -9.48 -9.93 7.18
C SER A 367 -9.63 -8.66 7.99
N ILE A 368 -8.71 -8.42 8.90
CA ILE A 368 -8.81 -7.33 9.87
C ILE A 368 -7.73 -6.33 9.50
N GLU A 369 -8.08 -5.04 9.46
CA GLU A 369 -7.10 -3.97 9.24
C GLU A 369 -5.87 -4.09 10.14
N ARG A 370 -4.67 -3.94 9.57
CA ARG A 370 -3.43 -3.89 10.37
C ARG A 370 -3.02 -2.42 10.49
N LEU A 371 -3.12 -1.86 11.71
CA LEU A 371 -3.01 -0.41 11.84
C LEU A 371 -1.86 -0.01 12.76
N PRO A 372 -1.08 1.01 12.34
CA PRO A 372 0.00 1.46 13.25
C PRO A 372 -0.59 2.31 14.36
N VAL A 373 -0.01 2.27 15.55
CA VAL A 373 -0.46 3.12 16.62
C VAL A 373 0.71 3.87 17.24
N TYR A 374 0.51 5.17 17.46
CA TYR A 374 1.47 5.99 18.16
C TYR A 374 1.34 5.89 19.67
N ASN A 375 2.40 5.47 20.35
CA ASN A 375 2.47 5.44 21.79
C ASN A 375 3.96 5.38 22.14
N LYS A 376 4.21 5.13 23.42
CA LYS A 376 5.54 4.99 23.94
C LYS A 376 6.40 4.02 23.15
N ALA A 377 5.86 2.86 22.75
CA ALA A 377 6.61 1.88 21.98
C ALA A 377 7.06 2.43 20.62
N ALA A 378 6.18 3.20 19.96
CA ALA A 378 6.46 3.78 18.63
C ALA A 378 7.54 4.84 18.76
N TRP A 379 7.42 5.68 19.78
CA TRP A 379 8.38 6.72 20.05
C TRP A 379 9.78 6.15 20.37
N LYS A 380 9.81 5.05 21.13
CA LYS A 380 11.07 4.39 21.48
C LYS A 380 11.83 3.84 20.29
N HIS A 381 11.09 3.34 19.30
CA HIS A 381 11.65 2.90 18.02
C HIS A 381 12.47 3.99 17.30
N TYR A 382 12.01 5.25 17.35
CA TYR A 382 12.74 6.39 16.75
C TYR A 382 13.94 6.81 17.58
N ASN A 383 13.92 6.51 18.89
CA ASN A 383 14.89 7.04 19.84
C ASN A 383 15.75 5.97 20.46
N THR A 384 15.73 4.78 19.85
CA THR A 384 16.44 3.65 20.38
C THR A 384 17.23 2.97 19.28
N ASN A 385 18.43 2.52 19.67
CA ASN A 385 19.28 1.55 18.98
C ASN A 385 20.65 2.12 18.62
N ALA A 388 21.13 -6.27 17.58
CA ALA A 388 21.15 -7.63 18.16
C ALA A 388 22.52 -8.07 18.78
N ASP A 389 22.86 -7.43 19.89
CA ASP A 389 24.04 -7.70 20.70
C ASP A 389 24.15 -9.18 21.17
N ASP A 390 23.05 -9.94 21.13
CA ASP A 390 23.01 -11.31 21.71
C ASP A 390 23.55 -12.41 20.79
N TRP A 391 23.97 -12.01 19.59
CA TRP A 391 24.62 -12.90 18.63
C TRP A 391 25.94 -12.26 18.19
N CYS A 392 26.94 -13.07 17.86
CA CYS A 392 28.21 -12.53 17.33
C CYS A 392 28.00 -12.06 15.88
N VAL A 393 28.56 -10.88 15.59
CA VAL A 393 28.51 -10.23 14.25
C VAL A 393 29.43 -10.90 13.19
N PRO A 394 28.96 -10.99 11.92
CA PRO A 394 29.85 -11.34 10.78
C PRO A 394 30.28 -10.13 9.91
#